data_6BLA
#
_entry.id   6BLA
#
_cell.length_a   49.893
_cell.length_b   69.937
_cell.length_c   136.313
_cell.angle_alpha   90.00
_cell.angle_beta   90.00
_cell.angle_gamma   90.00
#
_symmetry.space_group_name_H-M   'P 21 21 21'
#
loop_
_entity.id
_entity.type
_entity.pdbx_description
1 polymer 'AMM01 Fab Heavy chain'
2 polymer 'AMM01 Fab Light chain'
3 non-polymer 1,2-ETHANEDIOL
4 non-polymer DI(HYDROXYETHYL)ETHER
5 non-polymer GLYCEROL
6 non-polymer 'CHLORIDE ION'
7 non-polymer 2-AMINO-2-HYDROXYMETHYL-PROPANE-1,3-DIOL
8 non-polymer 'NONAETHYLENE GLYCOL'
9 water water
#
loop_
_entity_poly.entity_id
_entity_poly.type
_entity_poly.pdbx_seq_one_letter_code
_entity_poly.pdbx_strand_id
1 'polypeptide(L)'
;(PCA)VQLVQSGADVKKPGASVKVSCKASGYTFIHFGISWVRQAPGQGLEWMGWIDTNNGNTNYAQSLQGRVTMTTDTST
GTAYMELRSLSTDDTAVYFCARALEMGHRSGFPFDYWGQGVLVTVSPASTKGPSVFPLAPSSKSTSGGTAALGCLVKDYF
PEPVTVSWNSGALTSGVHTFPAVLQSSGLYSLSSVVTVPSSSLGTQTYICNVNHKPSNTKVDKRVEPKSCD
;
H
2 'polypeptide(L)'
;SYELTQPPSVSVAPGQRATITCGGHNIGAKNVHWYQQKPGQAPVLVIQYDSDRPSGIPERFSGSNSGSTATLTISRVEAG
DEADYYCQVWDSGRGHPLYVFGGGTKVTVLGQPKANPTVTLFPPSSEELQANKATLVCLISDFYPGAVTVAWKADSSPVK
AGVETTTPSKQSNNKYAASSYLSLTPEQWKSHRSYSCQVTHEGSTVEKTVAPTECS
;
L
#
loop_
_chem_comp.id
_chem_comp.type
_chem_comp.name
_chem_comp.formula
2PE non-polymer 'NONAETHYLENE GLYCOL' 'C18 H38 O10'
CL non-polymer 'CHLORIDE ION' 'Cl -1'
EDO non-polymer 1,2-ETHANEDIOL 'C2 H6 O2'
GOL non-polymer GLYCEROL 'C3 H8 O3'
PEG non-polymer DI(HYDROXYETHYL)ETHER 'C4 H10 O3'
TRS non-polymer 2-AMINO-2-HYDROXYMETHYL-PROPANE-1,3-DIOL 'C4 H12 N O3 1'
#
# COMPACT_ATOMS: atom_id res chain seq x y z
N PCA A 1 -31.63 2.59 0.64
CA PCA A 1 -30.22 3.05 0.59
CB PCA A 1 -29.40 2.46 1.74
CG PCA A 1 -30.33 1.56 2.50
CD PCA A 1 -31.65 1.71 1.80
OE PCA A 1 -32.68 1.14 2.18
C PCA A 1 -29.57 2.66 -0.72
O PCA A 1 -29.83 1.60 -1.30
HA PCA A 1 -30.21 4.02 0.67
HB2 PCA A 1 -28.62 1.97 1.37
HB3 PCA A 1 -29.06 3.19 2.31
HG2 PCA A 1 -30.01 0.63 2.50
HG3 PCA A 1 -30.41 1.86 3.44
N VAL A 2 -28.72 3.57 -1.19
CA VAL A 2 -27.96 3.34 -2.41
C VAL A 2 -26.99 2.21 -2.16
N GLN A 3 -26.88 1.28 -3.12
CA GLN A 3 -25.89 0.21 -3.08
C GLN A 3 -25.25 0.08 -4.45
N LEU A 4 -23.93 -0.12 -4.46
CA LEU A 4 -23.19 -0.45 -5.66
C LEU A 4 -22.43 -1.75 -5.40
N VAL A 5 -22.64 -2.76 -6.23
CA VAL A 5 -22.20 -4.12 -5.96
C VAL A 5 -21.31 -4.59 -7.10
N GLN A 6 -20.07 -4.95 -6.77
CA GLN A 6 -19.08 -5.27 -7.78
C GLN A 6 -18.76 -6.77 -7.86
N SER A 7 -18.40 -7.20 -9.06
CA SER A 7 -17.92 -8.56 -9.30
C SER A 7 -17.07 -8.53 -10.57
N GLY A 8 -16.67 -9.72 -11.04
CA GLY A 8 -15.93 -9.86 -12.28
C GLY A 8 -14.42 -9.90 -12.15
N ALA A 9 -13.86 -9.61 -10.98
CA ALA A 9 -12.42 -9.68 -10.81
C ALA A 9 -11.91 -11.13 -10.89
N ASP A 10 -10.62 -11.25 -11.18
CA ASP A 10 -9.92 -12.54 -11.22
C ASP A 10 -8.42 -12.29 -11.24
N VAL A 11 -7.66 -13.37 -11.06
CA VAL A 11 -6.27 -13.37 -11.45
C VAL A 11 -6.18 -13.43 -12.97
N LYS A 12 -5.34 -12.57 -13.54
CA LYS A 12 -5.22 -12.46 -14.99
C LYS A 12 -3.75 -12.57 -15.43
N LYS A 13 -3.55 -13.15 -16.60
CA LYS A 13 -2.22 -13.19 -17.18
C LYS A 13 -1.93 -11.86 -17.89
N PRO A 14 -0.67 -11.46 -17.99
CA PRO A 14 -0.32 -10.30 -18.81
C PRO A 14 -0.81 -10.49 -20.23
N GLY A 15 -1.33 -9.42 -20.81
CA GLY A 15 -1.90 -9.44 -22.13
C GLY A 15 -3.39 -9.71 -22.14
N ALA A 16 -3.92 -10.26 -21.06
CA ALA A 16 -5.33 -10.56 -21.00
C ALA A 16 -6.16 -9.29 -20.72
N SER A 17 -7.48 -9.46 -20.76
CA SER A 17 -8.46 -8.44 -20.40
C SER A 17 -9.24 -8.84 -19.16
N VAL A 18 -9.75 -7.84 -18.44
CA VAL A 18 -10.67 -8.06 -17.34
C VAL A 18 -11.89 -7.18 -17.53
N LYS A 19 -13.04 -7.69 -17.10
CA LYS A 19 -14.30 -6.93 -17.14
C LYS A 19 -14.94 -6.98 -15.76
N VAL A 20 -14.97 -5.82 -15.12
CA VAL A 20 -15.52 -5.67 -13.79
C VAL A 20 -16.93 -5.09 -13.90
N SER A 21 -17.85 -5.57 -13.07
CA SER A 21 -19.23 -5.11 -13.06
C SER A 21 -19.54 -4.30 -11.81
N CYS A 22 -20.58 -3.47 -11.91
CA CYS A 22 -21.01 -2.57 -10.84
C CYS A 22 -22.53 -2.47 -10.95
N LYS A 23 -23.23 -3.21 -10.10
CA LYS A 23 -24.68 -3.32 -10.13
C LYS A 23 -25.26 -2.36 -9.12
N ALA A 24 -26.11 -1.45 -9.60
CA ALA A 24 -26.64 -0.38 -8.77
C ALA A 24 -28.06 -0.65 -8.33
N SER A 25 -28.41 -0.13 -7.15
CA SER A 25 -29.78 -0.18 -6.67
C SER A 25 -30.01 0.96 -5.69
N GLY A 26 -31.30 1.27 -5.46
CA GLY A 26 -31.71 2.27 -4.49
C GLY A 26 -31.79 3.70 -4.99
N TYR A 27 -31.68 3.93 -6.30
CA TYR A 27 -31.81 5.25 -6.89
C TYR A 27 -32.10 5.04 -8.37
N THR A 28 -32.38 6.16 -9.05
CA THR A 28 -32.69 6.13 -10.48
C THR A 28 -31.38 6.01 -11.27
N PHE A 29 -31.12 4.81 -11.77
CA PHE A 29 -29.84 4.47 -12.40
C PHE A 29 -29.42 5.45 -13.48
N ILE A 30 -30.36 5.83 -14.35
CA ILE A 30 -30.02 6.63 -15.52
C ILE A 30 -29.79 8.10 -15.21
N HIS A 31 -30.01 8.53 -13.97
CA HIS A 31 -29.84 9.96 -13.63
C HIS A 31 -28.51 10.29 -12.95
N PHE A 32 -27.65 9.31 -12.71
CA PHE A 32 -26.32 9.51 -12.16
C PHE A 32 -25.33 8.72 -12.99
N GLY A 33 -24.21 9.33 -13.34
CA GLY A 33 -23.13 8.61 -13.98
C GLY A 33 -22.40 7.70 -13.01
N ILE A 34 -21.46 6.94 -13.56
CA ILE A 34 -20.59 6.07 -12.79
C ILE A 34 -19.14 6.38 -13.14
N SER A 35 -18.33 6.66 -12.12
CA SER A 35 -16.88 6.73 -12.26
C SER A 35 -16.23 5.41 -11.85
N TRP A 36 -15.04 5.17 -12.37
CA TRP A 36 -14.19 4.06 -11.97
C TRP A 36 -12.89 4.61 -11.45
N VAL A 37 -12.44 4.02 -10.36
CA VAL A 37 -11.27 4.45 -9.61
C VAL A 37 -10.51 3.20 -9.21
N ARG A 38 -9.19 3.23 -9.29
CA ARG A 38 -8.40 2.08 -8.85
C ARG A 38 -7.34 2.50 -7.84
N GLN A 39 -6.86 1.51 -7.11
CA GLN A 39 -5.96 1.72 -5.98
C GLN A 39 -4.99 0.55 -5.91
N ALA A 40 -3.74 0.76 -6.32
CA ALA A 40 -2.73 -0.27 -6.14
C ALA A 40 -2.48 -0.51 -4.64
N PRO A 41 -2.06 -1.72 -4.25
CA PRO A 41 -1.94 -2.02 -2.83
C PRO A 41 -0.98 -1.06 -2.13
N GLY A 42 -1.46 -0.48 -1.03
CA GLY A 42 -0.68 0.49 -0.28
C GLY A 42 -0.59 1.86 -0.92
N GLN A 43 -1.26 2.10 -2.05
CA GLN A 43 -1.08 3.35 -2.80
C GLN A 43 -2.39 4.14 -2.80
N GLY A 44 -2.40 5.24 -3.55
CA GLY A 44 -3.52 6.15 -3.52
C GLY A 44 -4.59 5.85 -4.55
N LEU A 45 -5.67 6.63 -4.50
CA LEU A 45 -6.77 6.52 -5.44
C LEU A 45 -6.39 7.15 -6.77
N GLU A 46 -6.75 6.50 -7.87
CA GLU A 46 -6.49 7.01 -9.23
C GLU A 46 -7.74 6.90 -10.08
N TRP A 47 -8.17 8.01 -10.67
CA TRP A 47 -9.38 8.05 -11.49
C TRP A 47 -9.11 7.41 -12.84
N MET A 48 -10.01 6.52 -13.28
CA MET A 48 -9.87 5.84 -14.58
C MET A 48 -10.76 6.42 -15.66
N GLY A 49 -11.97 6.83 -15.31
CA GLY A 49 -12.91 7.32 -16.30
C GLY A 49 -14.32 7.38 -15.75
N TRP A 50 -15.22 7.82 -16.61
CA TRP A 50 -16.60 8.03 -16.22
C TRP A 50 -17.52 7.76 -17.40
N ILE A 51 -18.70 7.22 -17.09
CA ILE A 51 -19.72 6.97 -18.11
C ILE A 51 -21.04 7.56 -17.67
N ASP A 52 -21.72 8.18 -18.63
CA ASP A 52 -23.06 8.72 -18.46
C ASP A 52 -24.07 7.59 -18.74
N THR A 53 -24.77 7.16 -17.69
CA THR A 53 -25.75 6.08 -17.80
C THR A 53 -26.99 6.44 -18.61
N ASN A 54 -27.27 7.72 -18.84
CA ASN A 54 -28.42 8.11 -19.66
C ASN A 54 -28.09 8.19 -21.15
N ASN A 55 -26.94 8.74 -21.50
CA ASN A 55 -26.68 9.04 -22.91
C ASN A 55 -25.45 8.36 -23.47
N GLY A 56 -24.66 7.64 -22.69
CA GLY A 56 -23.55 6.86 -23.20
C GLY A 56 -22.24 7.59 -23.32
N ASN A 57 -22.20 8.88 -23.00
CA ASN A 57 -20.92 9.60 -22.99
C ASN A 57 -19.90 8.85 -22.14
N THR A 58 -18.66 8.74 -22.65
CA THR A 58 -17.57 8.13 -21.90
C THR A 58 -16.35 9.03 -21.95
N ASN A 59 -15.77 9.31 -20.78
CA ASN A 59 -14.56 10.11 -20.65
C ASN A 59 -13.52 9.25 -19.91
N TYR A 60 -12.35 9.07 -20.50
CA TYR A 60 -11.33 8.19 -19.94
C TYR A 60 -10.08 8.97 -19.57
N ALA A 61 -9.40 8.51 -18.53
CA ALA A 61 -8.11 9.08 -18.18
C ALA A 61 -7.11 8.94 -19.34
N GLN A 62 -6.31 9.98 -19.53
CA GLN A 62 -5.37 10.00 -20.66
C GLN A 62 -4.38 8.85 -20.55
N SER A 63 -4.00 8.47 -19.33
CA SER A 63 -3.02 7.42 -19.17
C SER A 63 -3.54 6.05 -19.55
N LEU A 64 -4.86 5.91 -19.73
CA LEU A 64 -5.52 4.66 -20.13
C LEU A 64 -6.06 4.72 -21.55
N GLN A 65 -5.76 5.78 -22.28
CA GLN A 65 -6.29 5.94 -23.62
C GLN A 65 -6.09 4.66 -24.41
N GLY A 66 -7.16 4.19 -25.01
CA GLY A 66 -7.10 3.05 -25.87
C GLY A 66 -7.33 1.72 -25.19
N ARG A 67 -7.11 1.58 -23.88
CA ARG A 67 -7.26 0.23 -23.38
C ARG A 67 -8.30 0.08 -22.28
N VAL A 68 -9.14 1.09 -22.03
CA VAL A 68 -10.31 0.93 -21.16
C VAL A 68 -11.57 1.19 -21.99
N THR A 69 -12.63 0.43 -21.72
CA THR A 69 -13.94 0.72 -22.30
C THR A 69 -14.99 0.52 -21.23
N MET A 70 -15.88 1.48 -21.09
CA MET A 70 -16.96 1.44 -20.12
C MET A 70 -18.26 1.33 -20.88
N THR A 71 -19.17 0.51 -20.36
CA THR A 71 -20.49 0.31 -20.91
C THR A 71 -21.51 0.24 -19.77
N THR A 72 -22.79 0.31 -20.13
CA THR A 72 -23.87 0.06 -19.19
C THR A 72 -24.94 -0.79 -19.85
N ASP A 73 -25.72 -1.43 -18.98
CA ASP A 73 -26.92 -2.17 -19.35
C ASP A 73 -28.07 -1.60 -18.53
N THR A 74 -28.84 -0.72 -19.17
CA THR A 74 -29.94 -0.07 -18.49
C THR A 74 -30.92 -1.09 -17.92
N SER A 75 -31.16 -2.18 -18.65
CA SER A 75 -32.22 -3.10 -18.24
C SER A 75 -31.90 -3.77 -16.91
N THR A 76 -30.63 -3.88 -16.55
CA THR A 76 -30.22 -4.51 -15.31
C THR A 76 -29.57 -3.52 -14.34
N GLY A 77 -29.49 -2.24 -14.69
CA GLY A 77 -28.83 -1.28 -13.82
C GLY A 77 -27.39 -1.64 -13.51
N THR A 78 -26.62 -2.08 -14.51
CA THR A 78 -25.26 -2.53 -14.31
C THR A 78 -24.32 -1.73 -15.21
N ALA A 79 -23.20 -1.30 -14.63
CA ALA A 79 -22.11 -0.69 -15.37
C ALA A 79 -20.92 -1.64 -15.41
N TYR A 80 -20.18 -1.60 -16.51
CA TYR A 80 -19.05 -2.47 -16.73
C TYR A 80 -17.82 -1.65 -17.10
N MET A 81 -16.67 -2.14 -16.68
CA MET A 81 -15.39 -1.57 -17.06
C MET A 81 -14.50 -2.71 -17.55
N GLU A 82 -14.08 -2.62 -18.81
CA GLU A 82 -13.14 -3.55 -19.41
C GLU A 82 -11.78 -2.89 -19.49
N LEU A 83 -10.75 -3.57 -19.00
CA LEU A 83 -9.38 -3.07 -19.12
C LEU A 83 -8.57 -4.14 -19.84
N ARG A 84 -7.95 -3.74 -20.97
CA ARG A 84 -7.25 -4.64 -21.89
C ARG A 84 -5.73 -4.55 -21.69
N SER A 85 -5.01 -5.46 -22.34
CA SER A 85 -3.54 -5.51 -22.35
C SER A 85 -2.98 -5.32 -20.94
N LEU A 86 -3.44 -6.15 -20.03
CA LEU A 86 -3.07 -6.03 -18.63
C LEU A 86 -1.59 -6.32 -18.44
N SER A 87 -0.99 -5.63 -17.46
CA SER A 87 0.38 -5.89 -17.01
C SER A 87 0.39 -5.94 -15.49
N THR A 88 1.52 -6.37 -14.93
CA THR A 88 1.57 -6.46 -13.48
C THR A 88 1.35 -5.10 -12.82
N ASP A 89 1.58 -4.00 -13.57
CA ASP A 89 1.29 -2.67 -13.05
C ASP A 89 -0.19 -2.44 -12.79
N ASP A 90 -1.06 -3.26 -13.37
CA ASP A 90 -2.50 -3.10 -13.23
C ASP A 90 -3.06 -3.83 -12.00
N THR A 91 -2.23 -4.51 -11.23
CA THR A 91 -2.72 -5.11 -10.01
C THR A 91 -3.22 -4.03 -9.08
N ALA A 92 -4.50 -4.10 -8.70
CA ALA A 92 -5.13 -3.03 -7.94
C ALA A 92 -6.52 -3.46 -7.49
N VAL A 93 -7.05 -2.73 -6.53
CA VAL A 93 -8.48 -2.79 -6.25
C VAL A 93 -9.17 -1.79 -7.17
N TYR A 94 -10.23 -2.24 -7.81
CA TYR A 94 -11.03 -1.46 -8.75
C TYR A 94 -12.37 -1.15 -8.11
N PHE A 95 -12.66 0.14 -7.98
CA PHE A 95 -13.92 0.64 -7.45
C PHE A 95 -14.76 1.25 -8.56
N CYS A 96 -16.09 1.11 -8.45
CA CYS A 96 -17.01 2.01 -9.11
C CYS A 96 -17.55 3.00 -8.09
N ALA A 97 -18.03 4.15 -8.59
CA ALA A 97 -18.60 5.15 -7.70
C ALA A 97 -19.64 5.98 -8.47
N ARG A 98 -20.68 6.38 -7.76
CA ARG A 98 -21.73 7.19 -8.33
C ARG A 98 -21.27 8.63 -8.41
N ALA A 99 -21.47 9.27 -9.56
CA ALA A 99 -21.06 10.64 -9.79
C ALA A 99 -22.04 11.25 -10.77
N LEU A 100 -22.84 12.21 -10.28
CA LEU A 100 -24.01 12.68 -11.00
C LEU A 100 -23.69 13.02 -12.45
N GLU A 101 -22.80 13.99 -12.65
CA GLU A 101 -22.45 14.43 -13.99
C GLU A 101 -21.01 14.88 -13.98
N MET A 102 -20.36 14.67 -15.12
CA MET A 102 -19.02 15.17 -15.36
C MET A 102 -19.01 15.62 -16.80
N GLY A 103 -18.57 16.84 -17.02
CA GLY A 103 -18.66 17.43 -18.34
C GLY A 103 -17.61 18.49 -18.56
N HIS A 104 -17.81 19.37 -19.53
CA HIS A 104 -16.85 20.45 -19.74
C HIS A 104 -16.98 21.55 -18.71
N ARG A 105 -18.08 21.60 -17.94
CA ARG A 105 -18.24 22.65 -16.94
C ARG A 105 -18.74 22.11 -15.60
N SER A 106 -18.55 20.82 -15.33
CA SER A 106 -19.00 20.27 -14.07
C SER A 106 -18.24 18.99 -13.77
N GLY A 107 -18.05 18.71 -12.48
CA GLY A 107 -17.53 17.44 -12.02
C GLY A 107 -18.01 17.12 -10.62
N PHE A 108 -19.15 16.47 -10.52
CA PHE A 108 -19.74 16.19 -9.22
C PHE A 108 -18.88 15.19 -8.43
N PRO A 109 -18.97 15.23 -7.11
CA PRO A 109 -18.22 14.29 -6.28
C PRO A 109 -18.80 12.88 -6.34
N PHE A 110 -18.03 11.95 -5.77
CA PHE A 110 -18.34 10.51 -5.86
C PHE A 110 -19.01 10.15 -4.54
N ASP A 111 -20.36 10.14 -4.52
CA ASP A 111 -21.04 10.15 -3.23
C ASP A 111 -21.35 8.77 -2.67
N TYR A 112 -21.34 7.75 -3.52
CA TYR A 112 -21.48 6.38 -3.07
C TYR A 112 -20.50 5.52 -3.86
N TRP A 113 -19.96 4.48 -3.21
CA TRP A 113 -18.93 3.66 -3.82
C TRP A 113 -19.29 2.17 -3.75
N GLY A 114 -18.87 1.43 -4.78
CA GLY A 114 -18.83 -0.02 -4.66
C GLY A 114 -17.78 -0.47 -3.68
N GLN A 115 -17.82 -1.77 -3.35
CA GLN A 115 -16.96 -2.29 -2.28
C GLN A 115 -15.50 -2.43 -2.69
N GLY A 116 -15.23 -2.49 -3.99
CA GLY A 116 -13.90 -2.71 -4.53
C GLY A 116 -13.63 -4.18 -4.73
N VAL A 117 -13.01 -4.52 -5.87
CA VAL A 117 -12.58 -5.89 -6.15
C VAL A 117 -11.13 -5.87 -6.65
N LEU A 118 -10.37 -6.87 -6.20
CA LEU A 118 -8.95 -6.98 -6.46
C LEU A 118 -8.71 -7.78 -7.74
N VAL A 119 -8.04 -7.14 -8.70
CA VAL A 119 -7.55 -7.78 -9.91
C VAL A 119 -6.05 -7.95 -9.74
N THR A 120 -5.59 -9.19 -9.74
CA THR A 120 -4.15 -9.49 -9.66
C THR A 120 -3.66 -9.93 -11.04
N VAL A 121 -2.64 -9.26 -11.55
CA VAL A 121 -2.06 -9.61 -12.85
C VAL A 121 -0.70 -10.24 -12.62
N SER A 122 -0.55 -11.47 -13.07
CA SER A 122 0.71 -12.18 -12.89
C SER A 122 0.86 -13.24 -13.98
N PRO A 123 2.07 -13.42 -14.52
CA PRO A 123 2.28 -14.52 -15.46
C PRO A 123 2.49 -15.86 -14.79
N ALA A 124 2.57 -15.88 -13.47
CA ALA A 124 3.07 -17.06 -12.77
C ALA A 124 2.02 -18.17 -12.68
N SER A 125 2.48 -19.41 -12.85
CA SER A 125 1.76 -20.58 -12.37
C SER A 125 2.10 -20.79 -10.90
N THR A 126 1.31 -21.63 -10.24
CA THR A 126 1.60 -21.98 -8.86
C THR A 126 3.06 -22.33 -8.68
N LYS A 127 3.70 -21.76 -7.67
CA LYS A 127 5.15 -21.87 -7.47
C LYS A 127 5.44 -21.82 -5.98
N GLY A 128 6.11 -22.83 -5.46
CA GLY A 128 6.50 -22.83 -4.07
C GLY A 128 7.68 -21.89 -3.85
N PRO A 129 7.92 -21.52 -2.60
CA PRO A 129 8.95 -20.52 -2.30
C PRO A 129 10.35 -21.12 -2.24
N SER A 130 11.34 -20.24 -2.41
CA SER A 130 12.71 -20.53 -2.03
C SER A 130 12.95 -19.84 -0.70
N VAL A 131 13.43 -20.57 0.30
CA VAL A 131 13.58 -20.05 1.66
C VAL A 131 15.07 -19.90 1.95
N PHE A 132 15.45 -18.70 2.38
CA PHE A 132 16.82 -18.42 2.74
C PHE A 132 16.89 -17.95 4.17
N PRO A 133 17.97 -18.28 4.88
CA PRO A 133 18.08 -17.84 6.28
C PRO A 133 18.50 -16.39 6.39
N LEU A 134 17.98 -15.71 7.40
CA LEU A 134 18.39 -14.36 7.78
C LEU A 134 19.11 -14.49 9.11
N ALA A 135 20.42 -14.70 9.03
CA ALA A 135 21.21 -15.13 10.18
C ALA A 135 21.43 -13.98 11.15
N PRO A 136 21.50 -14.28 12.43
CA PRO A 136 21.77 -13.23 13.42
C PRO A 136 23.16 -12.67 13.22
N SER A 137 23.33 -11.45 13.71
CA SER A 137 24.56 -10.72 13.47
C SER A 137 25.73 -11.48 14.06
N SER A 138 26.83 -11.48 13.32
CA SER A 138 28.06 -12.05 13.83
C SER A 138 28.60 -11.31 15.05
N LYS A 139 27.99 -10.17 15.42
CA LYS A 139 28.44 -9.35 16.54
C LYS A 139 27.72 -9.68 17.84
N SER A 140 26.76 -10.61 17.80
CA SER A 140 25.96 -10.96 18.98
C SER A 140 26.66 -12.08 19.74
N THR A 141 27.86 -11.75 20.19
CA THR A 141 28.77 -12.66 20.88
C THR A 141 28.39 -12.89 22.33
N SER A 142 27.60 -12.00 22.93
CA SER A 142 27.40 -12.02 24.37
C SER A 142 25.92 -12.04 24.75
N GLY A 143 25.48 -11.11 25.60
CA GLY A 143 24.12 -11.07 26.07
C GLY A 143 23.24 -10.09 25.28
N GLY A 144 22.07 -9.80 25.83
CA GLY A 144 21.10 -8.97 25.13
C GLY A 144 20.18 -9.80 24.25
N THR A 145 19.62 -9.19 23.22
CA THR A 145 18.77 -9.88 22.26
C THR A 145 19.33 -9.82 20.85
N ALA A 146 18.85 -10.73 20.00
CA ALA A 146 19.30 -10.83 18.61
C ALA A 146 18.11 -11.15 17.72
N ALA A 147 18.01 -10.47 16.58
CA ALA A 147 17.00 -10.78 15.58
C ALA A 147 17.55 -11.77 14.58
N LEU A 148 16.70 -12.73 14.19
CA LEU A 148 17.02 -13.67 13.11
C LEU A 148 15.73 -14.02 12.41
N GLY A 149 15.83 -14.58 11.21
CA GLY A 149 14.60 -14.78 10.46
C GLY A 149 14.78 -15.67 9.25
N CYS A 150 13.73 -15.67 8.45
CA CYS A 150 13.69 -16.41 7.18
C CYS A 150 13.11 -15.53 6.12
N LEU A 151 13.77 -15.50 4.97
CA LEU A 151 13.30 -14.84 3.76
C LEU A 151 12.62 -15.88 2.88
N VAL A 152 11.36 -15.64 2.54
CA VAL A 152 10.52 -16.59 1.79
C VAL A 152 10.26 -15.94 0.44
N LYS A 153 11.00 -16.40 -0.57
CA LYS A 153 11.12 -15.71 -1.85
C LYS A 153 10.31 -16.38 -2.95
N ASP A 154 9.64 -15.54 -3.74
CA ASP A 154 9.23 -15.88 -5.11
C ASP A 154 8.25 -17.06 -5.14
N TYR A 155 7.12 -16.88 -4.48
CA TYR A 155 6.05 -17.87 -4.51
C TYR A 155 4.78 -17.29 -5.13
N PHE A 156 3.88 -18.19 -5.53
CA PHE A 156 2.60 -17.78 -6.09
C PHE A 156 1.61 -18.92 -5.97
N PRO A 157 0.34 -18.66 -5.63
CA PRO A 157 -0.29 -17.42 -5.19
C PRO A 157 -0.09 -17.29 -3.68
N GLU A 158 -0.66 -16.27 -3.08
CA GLU A 158 -0.77 -16.22 -1.63
C GLU A 158 -1.62 -17.38 -1.13
N PRO A 159 -1.52 -17.73 0.16
CA PRO A 159 -0.63 -17.22 1.21
C PRO A 159 0.47 -18.19 1.61
N VAL A 160 1.38 -17.68 2.44
CA VAL A 160 2.38 -18.46 3.12
C VAL A 160 2.18 -18.23 4.62
N THR A 161 2.36 -19.29 5.40
CA THR A 161 2.39 -19.17 6.86
C THR A 161 3.74 -19.66 7.38
N VAL A 162 4.15 -19.10 8.51
CA VAL A 162 5.46 -19.38 9.07
C VAL A 162 5.29 -19.58 10.56
N SER A 163 5.86 -20.65 11.08
CA SER A 163 6.03 -20.85 12.51
C SER A 163 7.51 -21.02 12.80
N TRP A 164 7.85 -21.02 14.09
CA TRP A 164 9.22 -21.21 14.54
C TRP A 164 9.28 -22.38 15.50
N ASN A 165 10.25 -23.26 15.28
CA ASN A 165 10.46 -24.43 16.13
C ASN A 165 9.16 -25.20 16.34
N SER A 166 8.40 -25.35 15.25
CA SER A 166 7.19 -26.16 15.23
C SER A 166 6.12 -25.61 16.16
N GLY A 167 6.13 -24.28 16.34
CA GLY A 167 5.16 -23.63 17.20
C GLY A 167 5.58 -23.51 18.64
N ALA A 168 6.74 -24.06 19.02
CA ALA A 168 7.25 -23.91 20.38
C ALA A 168 7.83 -22.52 20.63
N LEU A 169 8.17 -21.78 19.58
CA LEU A 169 8.70 -20.42 19.70
C LEU A 169 7.67 -19.46 19.14
N THR A 170 7.03 -18.69 20.02
CA THR A 170 6.00 -17.73 19.60
C THR A 170 6.31 -16.32 20.10
N SER A 171 6.92 -16.21 21.27
CA SER A 171 7.26 -14.89 21.79
C SER A 171 8.26 -14.19 20.87
N GLY A 172 7.96 -12.95 20.52
CA GLY A 172 8.89 -12.17 19.72
C GLY A 172 8.86 -12.45 18.24
N VAL A 173 7.89 -13.20 17.75
CA VAL A 173 7.78 -13.57 16.34
C VAL A 173 6.93 -12.54 15.62
N HIS A 174 7.35 -12.15 14.42
CA HIS A 174 6.46 -11.41 13.54
C HIS A 174 6.68 -11.86 12.12
N THR A 175 5.60 -12.31 11.48
CA THR A 175 5.62 -12.65 10.06
C THR A 175 4.93 -11.51 9.31
N PHE A 176 5.66 -10.94 8.36
CA PHE A 176 5.25 -9.74 7.66
C PHE A 176 4.29 -10.07 6.52
N PRO A 177 3.49 -9.09 6.10
CA PRO A 177 2.76 -9.22 4.84
C PRO A 177 3.71 -9.38 3.68
N ALA A 178 3.20 -9.88 2.57
CA ALA A 178 4.03 -10.10 1.40
C ALA A 178 4.14 -8.85 0.55
N VAL A 179 5.26 -8.75 -0.17
CA VAL A 179 5.38 -7.82 -1.29
C VAL A 179 5.09 -8.60 -2.56
N LEU A 180 4.60 -7.90 -3.56
CA LEU A 180 4.37 -8.47 -4.89
C LEU A 180 5.32 -7.78 -5.85
N GLN A 181 6.25 -8.55 -6.40
CA GLN A 181 7.26 -7.98 -7.26
C GLN A 181 6.70 -7.79 -8.67
N SER A 182 7.43 -7.00 -9.48
CA SER A 182 7.01 -6.77 -10.85
C SER A 182 6.99 -8.05 -11.67
N SER A 183 7.68 -9.09 -11.20
CA SER A 183 7.63 -10.43 -11.80
C SER A 183 6.29 -11.10 -11.62
N GLY A 184 5.43 -10.57 -10.76
CA GLY A 184 4.19 -11.24 -10.43
C GLY A 184 4.32 -12.30 -9.36
N LEU A 185 5.45 -12.35 -8.65
CA LEU A 185 5.69 -13.32 -7.59
C LEU A 185 5.79 -12.60 -6.25
N TYR A 186 5.33 -13.27 -5.22
CA TYR A 186 5.33 -12.72 -3.88
C TYR A 186 6.57 -13.13 -3.11
N SER A 187 6.95 -12.31 -2.11
CA SER A 187 7.95 -12.67 -1.12
C SER A 187 7.56 -12.10 0.23
N LEU A 188 7.98 -12.76 1.30
CA LEU A 188 7.80 -12.19 2.64
C LEU A 188 8.94 -12.64 3.54
N SER A 189 8.96 -12.11 4.75
CA SER A 189 9.93 -12.49 5.77
C SER A 189 9.21 -12.74 7.09
N SER A 190 9.86 -13.56 7.90
CA SER A 190 9.43 -13.79 9.28
C SER A 190 10.66 -13.59 10.15
N VAL A 191 10.48 -12.91 11.28
CA VAL A 191 11.58 -12.58 12.16
C VAL A 191 11.19 -13.00 13.56
N VAL A 192 12.20 -13.29 14.37
CA VAL A 192 12.03 -13.57 15.79
C VAL A 192 13.20 -12.94 16.53
N THR A 193 12.92 -12.42 17.71
CA THR A 193 13.93 -11.82 18.56
C THR A 193 14.13 -12.75 19.74
N VAL A 194 15.37 -13.15 19.97
CA VAL A 194 15.74 -14.19 20.94
C VAL A 194 16.89 -13.68 21.81
N PRO A 195 17.12 -14.31 22.95
CA PRO A 195 18.29 -13.95 23.76
C PRO A 195 19.57 -14.25 23.00
N SER A 196 20.48 -13.28 22.96
CA SER A 196 21.69 -13.53 22.19
C SER A 196 22.53 -14.63 22.80
N SER A 197 22.41 -14.87 24.11
CA SER A 197 23.14 -15.95 24.75
C SER A 197 22.64 -17.33 24.36
N SER A 198 21.54 -17.43 23.63
CA SER A 198 21.03 -18.71 23.17
C SER A 198 21.58 -19.12 21.82
N LEU A 199 22.34 -18.25 21.14
CA LEU A 199 22.63 -18.48 19.72
C LEU A 199 23.53 -19.68 19.52
N GLY A 200 24.34 -20.04 20.52
CA GLY A 200 25.18 -21.22 20.41
C GLY A 200 24.55 -22.51 20.90
N THR A 201 23.45 -22.40 21.64
CA THR A 201 22.84 -23.54 22.33
C THR A 201 21.49 -23.95 21.75
N GLN A 202 20.66 -23.00 21.34
CA GLN A 202 19.31 -23.28 20.90
C GLN A 202 19.29 -23.33 19.39
N THR A 203 18.69 -24.38 18.83
CA THR A 203 18.46 -24.40 17.39
C THR A 203 17.23 -23.58 17.05
N TYR A 204 17.28 -22.92 15.89
CA TYR A 204 16.17 -22.12 15.40
C TYR A 204 15.82 -22.57 14.00
N ILE A 205 14.58 -22.98 13.81
CA ILE A 205 14.07 -23.50 12.55
C ILE A 205 12.80 -22.73 12.21
N CYS A 206 12.72 -22.19 11.00
CA CYS A 206 11.46 -21.62 10.54
C CYS A 206 10.75 -22.68 9.72
N ASN A 207 9.47 -22.82 10.01
CA ASN A 207 8.59 -23.78 9.34
C ASN A 207 7.68 -23.00 8.38
N VAL A 208 7.97 -23.12 7.08
CA VAL A 208 7.28 -22.37 6.04
C VAL A 208 6.29 -23.29 5.38
N ASN A 209 5.05 -22.83 5.24
CA ASN A 209 3.99 -23.63 4.65
C ASN A 209 3.38 -22.86 3.49
N HIS A 210 3.40 -23.47 2.29
CA HIS A 210 2.76 -22.88 1.11
C HIS A 210 1.78 -23.93 0.59
N LYS A 211 0.54 -23.88 1.09
CA LYS A 211 -0.41 -24.93 0.74
C LYS A 211 -0.74 -24.96 -0.74
N PRO A 212 -0.84 -23.85 -1.46
CA PRO A 212 -1.17 -23.93 -2.88
C PRO A 212 -0.26 -24.85 -3.67
N SER A 213 1.03 -24.94 -3.31
CA SER A 213 1.96 -25.85 -3.97
C SER A 213 2.25 -27.10 -3.13
N ASN A 214 1.51 -27.29 -2.04
CA ASN A 214 1.76 -28.42 -1.12
C ASN A 214 3.23 -28.54 -0.74
N THR A 215 3.85 -27.38 -0.45
CA THR A 215 5.24 -27.31 -0.04
C THR A 215 5.33 -26.96 1.43
N LYS A 216 6.20 -27.67 2.16
CA LYS A 216 6.62 -27.26 3.47
C LYS A 216 8.13 -27.24 3.49
N VAL A 217 8.70 -26.20 4.09
CA VAL A 217 10.15 -26.08 4.24
C VAL A 217 10.50 -25.84 5.70
N ASP A 218 11.45 -26.61 6.23
CA ASP A 218 12.02 -26.37 7.54
C ASP A 218 13.46 -25.89 7.31
N LYS A 219 13.71 -24.61 7.55
CA LYS A 219 14.98 -23.97 7.26
C LYS A 219 15.68 -23.65 8.58
N ARG A 220 16.83 -24.29 8.78
CA ARG A 220 17.65 -24.01 9.95
C ARG A 220 18.36 -22.67 9.79
N VAL A 221 18.27 -21.83 10.82
CA VAL A 221 18.90 -20.51 10.81
C VAL A 221 19.98 -20.50 11.88
N GLU A 222 21.23 -20.43 11.45
CA GLU A 222 22.39 -20.56 12.32
C GLU A 222 23.25 -19.31 12.24
N PRO A 223 24.06 -19.04 13.26
CA PRO A 223 25.07 -17.98 13.15
C PRO A 223 26.00 -18.24 11.98
N LYS A 224 26.56 -17.16 11.45
CA LYS A 224 27.33 -17.19 10.21
C LYS A 224 28.78 -17.57 10.47
N SER A 225 29.37 -18.29 9.52
CA SER A 225 30.77 -18.67 9.62
C SER A 225 31.69 -17.47 9.46
N CYS A 226 31.33 -16.55 8.57
CA CYS A 226 32.18 -15.41 8.26
C CYS A 226 33.52 -15.88 7.73
N TYR B 2 -3.35 18.20 -13.92
CA TYR B 2 -3.39 19.04 -12.72
C TYR B 2 -2.85 18.27 -11.51
N GLU B 3 -1.97 18.89 -10.74
CA GLU B 3 -1.28 18.21 -9.65
C GLU B 3 -1.83 18.62 -8.29
N LEU B 4 -2.10 17.62 -7.43
CA LEU B 4 -2.57 17.83 -6.07
C LEU B 4 -1.53 17.25 -5.10
N THR B 5 -1.13 18.04 -4.11
CA THR B 5 -0.06 17.66 -3.20
C THR B 5 -0.62 17.60 -1.77
N GLN B 6 -0.53 16.43 -1.14
CA GLN B 6 -0.91 16.28 0.26
C GLN B 6 0.28 15.80 1.09
N PRO B 7 0.34 16.18 2.37
CA PRO B 7 1.37 15.60 3.25
C PRO B 7 1.10 14.13 3.46
N PRO B 8 2.14 13.32 3.59
CA PRO B 8 1.91 11.87 3.70
C PRO B 8 1.18 11.48 4.96
N SER B 9 1.41 12.18 6.07
CA SER B 9 0.89 11.72 7.34
C SER B 9 0.73 12.89 8.31
N VAL B 10 -0.23 12.74 9.20
CA VAL B 10 -0.51 13.66 10.31
C VAL B 10 -0.75 12.82 11.56
N SER B 11 -0.25 13.30 12.71
CA SER B 11 -0.54 12.72 14.03
C SER B 11 -1.31 13.73 14.85
N VAL B 12 -2.40 13.29 15.49
CA VAL B 12 -3.25 14.20 16.26
C VAL B 12 -3.78 13.47 17.50
N ALA B 13 -3.75 14.16 18.64
CA ALA B 13 -4.33 13.60 19.85
C ALA B 13 -5.86 13.75 19.86
N PRO B 14 -6.56 12.82 20.47
CA PRO B 14 -8.01 12.97 20.61
C PRO B 14 -8.35 14.29 21.29
N GLY B 15 -9.36 14.94 20.77
CA GLY B 15 -9.81 16.20 21.30
C GLY B 15 -9.10 17.41 20.72
N GLN B 16 -8.05 17.20 19.93
CA GLN B 16 -7.32 18.27 19.27
C GLN B 16 -7.83 18.42 17.85
N ARG B 17 -7.28 19.40 17.14
CA ARG B 17 -7.68 19.70 15.77
C ARG B 17 -6.72 19.05 14.77
N ALA B 18 -7.28 18.28 13.83
CA ALA B 18 -6.53 17.75 12.72
C ALA B 18 -6.69 18.67 11.50
N THR B 19 -5.56 18.99 10.87
CA THR B 19 -5.50 19.85 9.69
C THR B 19 -4.82 19.06 8.57
N ILE B 20 -5.56 18.84 7.48
CA ILE B 20 -5.05 18.13 6.30
C ILE B 20 -5.11 19.08 5.12
N THR B 21 -3.96 19.36 4.52
CA THR B 21 -3.89 20.29 3.40
C THR B 21 -3.78 19.56 2.05
N CYS B 22 -4.15 20.31 1.02
CA CYS B 22 -4.18 19.85 -0.37
C CYS B 22 -3.74 21.04 -1.20
N GLY B 23 -2.52 21.00 -1.72
CA GLY B 23 -1.96 22.12 -2.49
C GLY B 23 -2.17 21.93 -3.97
N GLY B 24 -2.43 23.04 -4.67
CA GLY B 24 -2.48 23.04 -6.11
C GLY B 24 -2.42 24.44 -6.65
N HIS B 25 -1.97 24.56 -7.89
CA HIS B 25 -1.82 25.87 -8.50
C HIS B 25 -3.18 26.53 -8.64
N ASN B 26 -3.37 27.65 -7.95
CA ASN B 26 -4.66 28.33 -7.96
C ASN B 26 -5.80 27.37 -7.65
N ILE B 27 -5.58 26.45 -6.72
CA ILE B 27 -6.64 25.53 -6.32
C ILE B 27 -7.84 26.25 -5.73
N GLY B 28 -7.66 27.46 -5.20
CA GLY B 28 -8.82 28.22 -4.72
C GLY B 28 -9.82 28.59 -5.81
N ALA B 29 -9.41 28.53 -7.08
CA ALA B 29 -10.34 28.72 -8.19
C ALA B 29 -11.10 27.46 -8.56
N LYS B 30 -10.85 26.36 -7.88
CA LYS B 30 -11.50 25.08 -8.10
C LYS B 30 -12.38 24.75 -6.91
N ASN B 31 -13.27 23.78 -7.11
CA ASN B 31 -13.96 23.11 -6.01
C ASN B 31 -13.21 21.86 -5.60
N VAL B 32 -13.00 21.69 -4.30
CA VAL B 32 -12.29 20.54 -3.76
C VAL B 32 -13.27 19.66 -2.99
N HIS B 33 -13.19 18.36 -3.27
CA HIS B 33 -13.91 17.33 -2.54
C HIS B 33 -12.95 16.46 -1.74
N TRP B 34 -13.41 15.97 -0.59
CA TRP B 34 -12.59 15.22 0.34
C TRP B 34 -13.21 13.87 0.68
N TYR B 35 -12.36 12.85 0.76
CA TYR B 35 -12.77 11.49 1.05
C TYR B 35 -11.97 10.91 2.21
N GLN B 36 -12.66 10.07 2.98
CA GLN B 36 -12.13 9.32 4.10
C GLN B 36 -12.11 7.85 3.76
N GLN B 37 -11.00 7.17 4.01
CA GLN B 37 -10.91 5.75 3.67
C GLN B 37 -10.22 4.99 4.80
N LYS B 38 -10.93 4.02 5.38
CA LYS B 38 -10.38 3.14 6.40
C LYS B 38 -9.94 1.80 5.80
N PRO B 39 -9.10 1.05 6.49
CA PRO B 39 -8.54 -0.16 5.86
C PRO B 39 -9.62 -1.14 5.41
N GLY B 40 -9.46 -1.65 4.20
CA GLY B 40 -10.34 -2.66 3.66
C GLY B 40 -11.67 -2.13 3.17
N GLN B 41 -11.89 -0.82 3.24
CA GLN B 41 -13.16 -0.21 2.90
C GLN B 41 -13.04 0.71 1.70
N ALA B 42 -14.18 0.97 1.08
CA ALA B 42 -14.25 2.00 0.06
C ALA B 42 -14.19 3.39 0.71
N PRO B 43 -13.78 4.40 -0.04
CA PRO B 43 -13.83 5.77 0.49
C PRO B 43 -15.25 6.25 0.78
N VAL B 44 -15.32 7.25 1.66
CA VAL B 44 -16.55 7.91 2.06
C VAL B 44 -16.36 9.40 1.82
N LEU B 45 -17.33 10.03 1.13
CA LEU B 45 -17.26 11.48 0.90
C LEU B 45 -17.58 12.22 2.20
N VAL B 46 -16.64 13.08 2.67
CA VAL B 46 -16.85 13.80 3.92
C VAL B 46 -17.06 15.30 3.73
N ILE B 47 -16.46 15.92 2.72
CA ILE B 47 -16.71 17.31 2.37
C ILE B 47 -16.82 17.41 0.86
N GLN B 48 -17.79 18.16 0.38
CA GLN B 48 -17.92 18.39 -1.05
C GLN B 48 -17.98 19.89 -1.32
N TYR B 49 -17.48 20.29 -2.49
CA TYR B 49 -17.52 21.69 -2.90
C TYR B 49 -16.92 22.59 -1.81
N ASP B 50 -15.71 22.21 -1.40
CA ASP B 50 -14.81 22.96 -0.53
C ASP B 50 -15.20 22.90 0.93
N SER B 51 -16.50 23.05 1.22
CA SER B 51 -16.93 23.29 2.59
C SER B 51 -18.25 22.65 2.97
N ASP B 52 -18.92 21.96 2.06
CA ASP B 52 -20.26 21.47 2.32
C ASP B 52 -20.18 20.05 2.89
N ARG B 53 -20.91 19.81 3.99
CA ARG B 53 -20.96 18.48 4.59
C ARG B 53 -22.14 17.70 4.02
N PRO B 54 -21.91 16.55 3.40
CA PRO B 54 -23.02 15.68 3.04
C PRO B 54 -23.84 15.30 4.27
N SER B 55 -25.11 14.99 4.04
CA SER B 55 -25.96 14.55 5.13
C SER B 55 -25.36 13.33 5.79
N GLY B 56 -25.34 13.32 7.12
CA GLY B 56 -24.77 12.22 7.88
C GLY B 56 -23.32 12.38 8.29
N ILE B 57 -22.62 13.37 7.78
CA ILE B 57 -21.24 13.63 8.16
C ILE B 57 -21.27 14.48 9.42
N PRO B 58 -20.51 14.13 10.48
CA PRO B 58 -20.56 14.89 11.73
C PRO B 58 -20.06 16.33 11.54
N GLU B 59 -20.61 17.22 12.38
CA GLU B 59 -20.31 18.63 12.20
C GLU B 59 -18.87 18.98 12.55
N ARG B 60 -18.10 18.09 13.19
CA ARG B 60 -16.69 18.38 13.43
C ARG B 60 -15.82 18.38 12.16
N PHE B 61 -16.31 17.86 11.04
CA PHE B 61 -15.62 17.98 9.77
C PHE B 61 -15.98 19.29 9.10
N SER B 62 -14.97 20.02 8.68
CA SER B 62 -15.18 21.26 7.93
C SER B 62 -14.09 21.39 6.87
N GLY B 63 -14.33 22.29 5.92
CA GLY B 63 -13.37 22.52 4.86
C GLY B 63 -13.35 23.97 4.42
N SER B 64 -12.23 24.35 3.83
CA SER B 64 -12.09 25.68 3.25
C SER B 64 -11.07 25.58 2.11
N ASN B 65 -11.01 26.63 1.30
CA ASN B 65 -10.16 26.61 0.10
C ASN B 65 -9.83 28.03 -0.30
N SER B 66 -8.55 28.36 -0.43
CA SER B 66 -8.16 29.73 -0.78
C SER B 66 -6.73 29.71 -1.28
N GLY B 67 -6.48 30.44 -2.37
CA GLY B 67 -5.13 30.62 -2.87
C GLY B 67 -4.63 29.30 -3.43
N SER B 68 -3.53 28.78 -2.89
CA SER B 68 -2.97 27.53 -3.40
CA SER B 68 -2.97 27.54 -3.40
C SER B 68 -3.13 26.38 -2.40
N THR B 69 -4.02 26.52 -1.42
CA THR B 69 -4.22 25.47 -0.44
C THR B 69 -5.69 25.28 -0.07
N ALA B 70 -6.15 24.05 -0.19
CA ALA B 70 -7.42 23.63 0.37
C ALA B 70 -7.15 22.86 1.65
N THR B 71 -8.06 22.99 2.62
CA THR B 71 -7.83 22.44 3.95
C THR B 71 -9.08 21.70 4.45
N LEU B 72 -8.88 20.45 4.86
CA LEU B 72 -9.86 19.68 5.61
C LEU B 72 -9.48 19.81 7.09
N THR B 73 -10.44 20.21 7.92
CA THR B 73 -10.23 20.33 9.35
C THR B 73 -11.18 19.40 10.06
N ILE B 74 -10.62 18.60 10.95
CA ILE B 74 -11.42 17.78 11.86
C ILE B 74 -11.18 18.38 13.24
N SER B 75 -12.17 19.12 13.71
CA SER B 75 -12.12 19.68 15.05
C SER B 75 -12.47 18.60 16.07
N ARG B 76 -11.91 18.73 17.25
CA ARG B 76 -12.21 17.82 18.37
C ARG B 76 -12.20 16.38 17.86
N VAL B 77 -11.04 15.98 17.31
CA VAL B 77 -10.97 14.73 16.58
C VAL B 77 -11.21 13.57 17.55
N GLU B 78 -11.84 12.51 17.01
CA GLU B 78 -12.18 11.30 17.75
C GLU B 78 -11.42 10.11 17.19
N ALA B 79 -11.29 9.07 18.02
CA ALA B 79 -10.52 7.87 17.64
C ALA B 79 -10.98 7.31 16.31
N GLY B 80 -12.29 7.28 16.07
CA GLY B 80 -12.87 6.75 14.84
C GLY B 80 -12.61 7.59 13.61
N ASP B 81 -12.00 8.76 13.76
CA ASP B 81 -11.66 9.56 12.60
C ASP B 81 -10.30 9.18 12.00
N GLU B 82 -9.58 8.25 12.63
CA GLU B 82 -8.33 7.76 12.06
C GLU B 82 -8.62 7.08 10.74
N ALA B 83 -7.89 7.50 9.71
CA ALA B 83 -8.17 7.09 8.34
C ALA B 83 -7.17 7.76 7.42
N ASP B 84 -7.17 7.31 6.16
CA ASP B 84 -6.53 8.06 5.07
C ASP B 84 -7.53 9.05 4.48
N TYR B 85 -7.07 10.26 4.21
CA TYR B 85 -7.91 11.30 3.65
C TYR B 85 -7.33 11.75 2.31
N TYR B 86 -8.20 11.87 1.31
CA TYR B 86 -7.83 12.24 -0.05
C TYR B 86 -8.60 13.48 -0.47
N CYS B 87 -7.91 14.43 -1.07
CA CYS B 87 -8.59 15.50 -1.79
C CYS B 87 -8.73 15.12 -3.25
N GLN B 88 -9.61 15.85 -3.94
CA GLN B 88 -9.97 15.58 -5.33
C GLN B 88 -10.47 16.85 -5.98
N VAL B 89 -10.11 17.07 -7.26
CA VAL B 89 -10.73 18.13 -8.05
C VAL B 89 -11.07 17.56 -9.43
N TRP B 90 -11.92 18.31 -10.12
CA TRP B 90 -12.22 18.16 -11.53
C TRP B 90 -11.44 19.24 -12.26
N ASP B 91 -11.12 18.96 -13.52
CA ASP B 91 -10.48 19.94 -14.38
C ASP B 91 -11.09 19.81 -15.78
N SER B 92 -11.27 20.95 -16.45
CA SER B 92 -11.87 20.91 -17.78
C SER B 92 -10.94 20.29 -18.80
N GLY B 93 -9.64 20.22 -18.52
CA GLY B 93 -8.70 19.48 -19.35
C GLY B 93 -8.58 20.00 -20.78
N ARG B 94 -8.64 21.32 -20.96
CA ARG B 94 -8.45 21.93 -22.28
C ARG B 94 -9.36 21.27 -23.32
N GLY B 95 -10.54 20.82 -22.89
CA GLY B 95 -11.48 20.14 -23.75
C GLY B 95 -11.57 18.63 -23.52
N HIS B 96 -10.81 18.09 -22.57
CA HIS B 96 -10.83 16.67 -22.22
C HIS B 96 -10.94 16.54 -20.71
N PRO B 97 -12.14 16.63 -20.15
CA PRO B 97 -12.28 16.78 -18.70
C PRO B 97 -11.81 15.55 -17.96
N LEU B 98 -11.43 15.78 -16.72
CA LEU B 98 -10.84 14.74 -15.89
C LEU B 98 -11.09 15.04 -14.42
N TYR B 99 -10.90 14.00 -13.60
CA TYR B 99 -10.71 14.16 -12.16
C TYR B 99 -9.30 13.74 -11.77
N VAL B 100 -8.81 14.33 -10.68
CA VAL B 100 -7.52 13.93 -10.12
CA VAL B 100 -7.52 13.92 -10.12
C VAL B 100 -7.67 13.87 -8.60
N PHE B 101 -6.96 12.92 -7.99
CA PHE B 101 -6.85 12.78 -6.54
C PHE B 101 -5.46 13.20 -6.07
N GLY B 102 -5.41 13.78 -4.86
CA GLY B 102 -4.18 13.90 -4.12
C GLY B 102 -3.65 12.53 -3.70
N GLY B 103 -2.41 12.54 -3.21
CA GLY B 103 -1.76 11.29 -2.84
C GLY B 103 -2.25 10.67 -1.56
N GLY B 104 -3.02 11.39 -0.76
CA GLY B 104 -3.57 10.87 0.47
C GLY B 104 -2.72 11.25 1.68
N THR B 105 -3.39 11.43 2.82
CA THR B 105 -2.75 11.74 4.09
C THR B 105 -3.22 10.71 5.10
N LYS B 106 -2.27 10.00 5.72
CA LYS B 106 -2.63 9.04 6.77
C LYS B 106 -2.76 9.80 8.09
N VAL B 107 -3.96 9.90 8.61
CA VAL B 107 -4.23 10.62 9.86
C VAL B 107 -4.31 9.59 10.98
N THR B 108 -3.31 9.61 11.87
CA THR B 108 -3.32 8.78 13.06
C THR B 108 -3.89 9.59 14.20
N VAL B 109 -4.91 9.06 14.85
CA VAL B 109 -5.41 9.61 16.10
C VAL B 109 -4.74 8.85 17.23
N LEU B 110 -3.94 9.55 18.03
CA LEU B 110 -3.03 8.89 18.96
C LEU B 110 -3.81 8.08 20.00
N GLY B 111 -3.47 6.80 20.11
CA GLY B 111 -4.17 5.90 21.00
C GLY B 111 -3.25 5.02 21.82
N GLN B 112 -1.95 5.22 21.65
CA GLN B 112 -0.94 4.55 22.46
C GLN B 112 0.32 5.39 22.44
N PRO B 113 1.32 5.05 23.26
CA PRO B 113 2.52 5.88 23.34
C PRO B 113 3.35 5.84 22.08
N LYS B 114 3.97 6.96 21.77
CA LYS B 114 4.95 6.98 20.69
C LYS B 114 5.99 5.92 20.93
N ALA B 115 6.37 5.24 19.85
CA ALA B 115 7.42 4.24 19.90
C ALA B 115 8.34 4.41 18.70
N ASN B 116 9.64 4.59 18.97
CA ASN B 116 10.63 4.80 17.92
C ASN B 116 11.03 3.46 17.32
N PRO B 117 11.18 3.39 16.00
CA PRO B 117 11.39 2.09 15.35
C PRO B 117 12.75 1.49 15.62
N THR B 118 12.77 0.17 15.72
CA THR B 118 13.97 -0.62 15.63
C THR B 118 14.14 -1.07 14.18
N VAL B 119 15.35 -0.94 13.65
CA VAL B 119 15.63 -1.29 12.27
C VAL B 119 16.68 -2.39 12.25
N THR B 120 16.40 -3.45 11.50
CA THR B 120 17.32 -4.57 11.35
C THR B 120 17.54 -4.79 9.86
N LEU B 121 18.78 -4.66 9.39
CA LEU B 121 19.12 -4.82 7.98
C LEU B 121 19.96 -6.06 7.80
N PHE B 122 19.42 -7.02 7.03
CA PHE B 122 20.14 -8.24 6.70
C PHE B 122 20.75 -8.12 5.31
N PRO B 123 22.03 -8.41 5.15
CA PRO B 123 22.61 -8.51 3.84
C PRO B 123 22.12 -9.77 3.14
N PRO B 124 22.39 -9.92 1.85
CA PRO B 124 22.13 -11.20 1.20
C PRO B 124 22.80 -12.35 1.94
N SER B 125 22.06 -13.44 2.09
CA SER B 125 22.66 -14.64 2.67
C SER B 125 23.66 -15.26 1.70
N SER B 126 24.65 -15.93 2.28
CA SER B 126 25.60 -16.69 1.45
C SER B 126 24.84 -17.66 0.57
N GLU B 127 23.79 -18.30 1.11
CA GLU B 127 23.01 -19.25 0.33
C GLU B 127 22.40 -18.59 -0.89
N GLU B 128 21.80 -17.42 -0.70
CA GLU B 128 21.15 -16.72 -1.81
C GLU B 128 22.18 -16.30 -2.85
N LEU B 129 23.30 -15.71 -2.40
CA LEU B 129 24.36 -15.35 -3.33
C LEU B 129 24.82 -16.56 -4.14
N GLN B 130 24.94 -17.72 -3.50
CA GLN B 130 25.36 -18.89 -4.24
C GLN B 130 24.30 -19.36 -5.24
N ALA B 131 23.03 -19.00 -5.03
CA ALA B 131 21.96 -19.20 -6.01
C ALA B 131 21.91 -18.08 -7.06
N ASN B 132 22.92 -17.22 -7.07
CA ASN B 132 23.07 -16.13 -8.06
C ASN B 132 21.99 -15.08 -7.92
N LYS B 133 21.53 -14.83 -6.70
CA LYS B 133 20.59 -13.75 -6.43
C LYS B 133 21.05 -13.01 -5.19
N ALA B 134 20.44 -11.85 -4.93
CA ALA B 134 20.79 -11.06 -3.76
C ALA B 134 19.61 -10.19 -3.35
N THR B 135 19.26 -10.25 -2.06
CA THR B 135 18.18 -9.44 -1.50
C THR B 135 18.66 -8.84 -0.19
N LEU B 136 18.61 -7.51 -0.09
CA LEU B 136 18.74 -6.83 1.20
C LEU B 136 17.37 -6.73 1.86
N VAL B 137 17.29 -7.06 3.15
CA VAL B 137 16.00 -7.18 3.85
C VAL B 137 16.07 -6.22 5.03
N CYS B 138 15.24 -5.18 5.00
CA CYS B 138 15.18 -4.16 6.04
C CYS B 138 13.88 -4.35 6.79
N LEU B 139 13.98 -4.77 8.05
CA LEU B 139 12.82 -5.02 8.90
C LEU B 139 12.71 -3.93 9.96
N ILE B 140 11.53 -3.37 10.08
CA ILE B 140 11.28 -2.20 10.89
C ILE B 140 10.21 -2.57 11.89
N SER B 141 10.51 -2.48 13.19
CA SER B 141 9.64 -3.04 14.20
C SER B 141 9.42 -2.09 15.36
N ASP B 142 8.36 -2.40 16.12
CA ASP B 142 8.08 -1.77 17.41
C ASP B 142 7.93 -0.26 17.30
N PHE B 143 7.13 0.21 16.33
CA PHE B 143 6.93 1.65 16.20
C PHE B 143 5.46 2.07 16.22
N TYR B 144 5.28 3.33 16.61
CA TYR B 144 3.97 3.96 16.63
C TYR B 144 4.15 5.46 16.66
N PRO B 145 3.38 6.24 15.87
CA PRO B 145 2.39 5.87 14.85
C PRO B 145 2.91 4.98 13.75
N GLY B 146 1.99 4.28 13.10
CA GLY B 146 2.31 3.32 12.06
C GLY B 146 2.44 3.95 10.69
N ALA B 147 3.40 4.88 10.56
CA ALA B 147 3.69 5.57 9.31
C ALA B 147 5.20 5.77 9.24
N VAL B 148 5.81 5.26 8.17
CA VAL B 148 7.24 5.45 7.93
C VAL B 148 7.46 5.66 6.44
N THR B 149 8.60 6.28 6.12
CA THR B 149 9.16 6.35 4.79
C THR B 149 10.49 5.60 4.79
N VAL B 150 10.72 4.77 3.78
CA VAL B 150 11.97 4.02 3.67
C VAL B 150 12.73 4.53 2.44
N ALA B 151 14.03 4.74 2.62
CA ALA B 151 14.89 5.20 1.55
C ALA B 151 16.12 4.31 1.52
N TRP B 152 16.52 3.88 0.33
CA TRP B 152 17.68 3.04 0.17
C TRP B 152 18.82 3.80 -0.49
N LYS B 153 20.04 3.43 -0.12
CA LYS B 153 21.23 4.05 -0.67
C LYS B 153 22.25 2.98 -1.03
N ALA B 154 22.97 3.19 -2.14
CA ALA B 154 24.16 2.44 -2.46
C ALA B 154 25.33 3.40 -2.30
N ASP B 155 26.25 3.06 -1.41
CA ASP B 155 27.23 4.04 -0.98
C ASP B 155 26.44 5.25 -0.49
N SER B 156 26.57 6.39 -1.13
CA SER B 156 25.78 7.57 -0.75
C SER B 156 24.68 7.90 -1.75
N SER B 157 24.47 7.08 -2.76
CA SER B 157 23.57 7.45 -3.85
C SER B 157 22.22 6.79 -3.66
N PRO B 158 21.12 7.54 -3.73
CA PRO B 158 19.80 6.91 -3.58
C PRO B 158 19.53 5.89 -4.68
N VAL B 159 18.84 4.83 -4.30
CA VAL B 159 18.43 3.73 -5.17
C VAL B 159 16.92 3.61 -5.09
N LYS B 160 16.25 3.66 -6.25
CA LYS B 160 14.80 3.49 -6.33
C LYS B 160 14.39 2.18 -6.99
N ALA B 161 15.09 1.78 -8.05
CA ALA B 161 14.74 0.55 -8.75
C ALA B 161 15.02 -0.63 -7.86
N GLY B 162 14.16 -1.65 -7.95
CA GLY B 162 14.36 -2.87 -7.20
C GLY B 162 13.83 -2.86 -5.79
N VAL B 163 13.08 -1.85 -5.39
CA VAL B 163 12.60 -1.73 -4.01
C VAL B 163 11.13 -2.09 -3.93
N GLU B 164 10.78 -2.86 -2.90
CA GLU B 164 9.41 -3.14 -2.54
C GLU B 164 9.27 -3.00 -1.04
N THR B 165 8.20 -2.33 -0.60
CA THR B 165 7.97 -2.00 0.81
C THR B 165 6.53 -2.31 1.18
N THR B 166 6.34 -2.87 2.37
CA THR B 166 5.02 -3.21 2.87
C THR B 166 4.45 -2.07 3.71
N THR B 167 3.13 -2.00 3.72
CA THR B 167 2.43 -1.06 4.57
C THR B 167 2.51 -1.54 6.02
N PRO B 168 2.78 -0.65 6.97
CA PRO B 168 2.85 -1.10 8.36
C PRO B 168 1.60 -1.82 8.81
N SER B 169 1.78 -2.87 9.61
CA SER B 169 0.66 -3.53 10.26
C SER B 169 1.10 -3.93 11.65
N LYS B 170 0.12 -4.28 12.49
CA LYS B 170 0.37 -4.45 13.92
C LYS B 170 1.01 -5.79 14.21
N GLN B 171 1.97 -5.76 15.14
CA GLN B 171 2.60 -6.92 15.75
C GLN B 171 1.72 -7.46 16.86
N SER B 172 2.13 -8.62 17.38
CA SER B 172 1.48 -9.23 18.53
C SER B 172 1.39 -8.28 19.72
N ASN B 173 2.37 -7.40 19.90
CA ASN B 173 2.40 -6.49 21.05
C ASN B 173 1.70 -5.17 20.79
N ASN B 174 1.00 -5.05 19.68
CA ASN B 174 0.18 -3.91 19.27
C ASN B 174 0.97 -2.72 18.73
N LYS B 175 2.29 -2.81 18.64
CA LYS B 175 3.05 -1.81 17.91
C LYS B 175 3.10 -2.21 16.43
N TYR B 176 3.58 -1.30 15.59
CA TYR B 176 3.61 -1.55 14.15
C TYR B 176 4.97 -2.10 13.73
N ALA B 177 4.96 -2.84 12.61
CA ALA B 177 6.17 -3.22 11.92
C ALA B 177 5.95 -3.06 10.43
N ALA B 178 7.05 -2.91 9.67
CA ALA B 178 6.99 -2.84 8.22
C ALA B 178 8.27 -3.46 7.68
N SER B 179 8.30 -3.74 6.38
CA SER B 179 9.45 -4.38 5.77
C SER B 179 9.75 -3.71 4.43
N SER B 180 11.02 -3.72 4.06
CA SER B 180 11.42 -3.21 2.75
C SER B 180 12.55 -4.08 2.21
N TYR B 181 12.59 -4.21 0.90
CA TYR B 181 13.51 -5.10 0.20
C TYR B 181 14.17 -4.34 -0.94
N LEU B 182 15.47 -4.56 -1.10
CA LEU B 182 16.20 -4.10 -2.27
C LEU B 182 16.74 -5.33 -2.99
N SER B 183 16.25 -5.57 -4.20
CA SER B 183 16.70 -6.69 -5.02
C SER B 183 17.83 -6.23 -5.92
N LEU B 184 18.92 -6.98 -5.90
CA LEU B 184 20.18 -6.65 -6.55
C LEU B 184 20.72 -7.90 -7.23
N THR B 185 21.57 -7.71 -8.22
CA THR B 185 22.36 -8.84 -8.68
C THR B 185 23.56 -9.03 -7.75
N PRO B 186 24.12 -10.23 -7.71
CA PRO B 186 25.37 -10.37 -6.94
C PRO B 186 26.41 -9.37 -7.36
N GLU B 187 26.51 -9.07 -8.66
CA GLU B 187 27.53 -8.13 -9.10
C GLU B 187 27.27 -6.76 -8.50
N GLN B 188 26.02 -6.29 -8.54
CA GLN B 188 25.69 -4.99 -7.95
C GLN B 188 26.04 -4.96 -6.47
N TRP B 189 25.72 -6.05 -5.75
CA TRP B 189 25.98 -6.11 -4.32
C TRP B 189 27.46 -5.94 -4.01
N LYS B 190 28.33 -6.64 -4.75
CA LYS B 190 29.74 -6.60 -4.43
C LYS B 190 30.47 -5.43 -5.07
N SER B 191 29.80 -4.64 -5.91
CA SER B 191 30.49 -3.54 -6.59
C SER B 191 30.40 -2.22 -5.85
N HIS B 192 29.71 -2.16 -4.72
CA HIS B 192 29.67 -0.96 -3.91
C HIS B 192 30.25 -1.26 -2.54
N ARG B 193 30.68 -0.19 -1.87
CA ARG B 193 31.31 -0.30 -0.56
C ARG B 193 30.29 -0.62 0.53
N SER B 194 29.06 -0.12 0.41
CA SER B 194 28.02 -0.37 1.39
C SER B 194 26.67 -0.04 0.80
N TYR B 195 25.64 -0.51 1.48
CA TYR B 195 24.25 -0.18 1.20
C TYR B 195 23.60 0.19 2.51
N SER B 196 22.60 1.07 2.45
CA SER B 196 21.91 1.55 3.65
C SER B 196 20.39 1.54 3.47
N CYS B 197 19.70 1.27 4.57
CA CYS B 197 18.26 1.42 4.70
C CYS B 197 17.98 2.50 5.72
N GLN B 198 17.28 3.56 5.29
CA GLN B 198 16.99 4.73 6.12
C GLN B 198 15.50 4.81 6.32
N VAL B 199 15.08 4.85 7.59
CA VAL B 199 13.68 4.87 7.97
C VAL B 199 13.39 6.22 8.59
N THR B 200 12.41 6.93 8.04
CA THR B 200 11.92 8.17 8.62
C THR B 200 10.64 7.90 9.38
N HIS B 201 10.62 8.34 10.64
CA HIS B 201 9.47 8.22 11.52
C HIS B 201 9.30 9.52 12.32
N GLU B 202 8.15 10.17 12.16
CA GLU B 202 7.78 11.32 12.97
C GLU B 202 8.94 12.33 13.09
N GLY B 203 9.50 12.70 11.95
CA GLY B 203 10.40 13.83 11.87
C GLY B 203 11.87 13.51 12.01
N SER B 204 12.22 12.28 12.36
CA SER B 204 13.60 11.87 12.57
C SER B 204 13.87 10.57 11.82
N THR B 205 15.16 10.22 11.66
CA THR B 205 15.54 9.08 10.83
C THR B 205 16.53 8.19 11.56
N VAL B 206 16.45 6.89 11.25
CA VAL B 206 17.38 5.89 11.71
C VAL B 206 17.86 5.13 10.47
N GLU B 207 19.17 4.93 10.36
CA GLU B 207 19.76 4.28 9.19
C GLU B 207 20.64 3.14 9.65
N LYS B 208 20.48 1.99 9.00
CA LYS B 208 21.39 0.87 9.17
C LYS B 208 22.15 0.65 7.88
N THR B 209 23.41 0.21 8.01
CA THR B 209 24.28 -0.03 6.85
C THR B 209 24.87 -1.44 6.90
N VAL B 210 25.02 -2.07 5.72
CA VAL B 210 25.75 -3.33 5.59
C VAL B 210 26.73 -3.19 4.44
N ALA B 211 27.72 -4.09 4.42
CA ALA B 211 28.79 -4.04 3.41
C ALA B 211 29.07 -5.44 2.89
N PRO B 212 29.29 -5.60 1.57
CA PRO B 212 29.58 -6.94 1.05
C PRO B 212 30.87 -7.54 1.57
N THR B 213 31.82 -6.73 2.05
CA THR B 213 33.08 -7.23 2.54
C THR B 213 33.08 -7.50 4.04
N GLU B 214 31.98 -7.21 4.72
CA GLU B 214 31.91 -7.31 6.17
C GLU B 214 30.81 -8.28 6.59
N CYS B 215 31.13 -9.12 7.57
CA CYS B 215 30.14 -10.04 8.15
C CYS B 215 29.25 -9.28 9.12
N SER B 216 28.04 -8.91 8.67
CA SER B 216 27.18 -8.02 9.45
C SER B 216 26.91 -8.56 10.85
C1 EDO C . -23.14 2.17 -23.09
O1 EDO C . -23.02 0.79 -22.93
C2 EDO C . -22.21 2.54 -24.24
O2 EDO C . -21.56 3.74 -23.92
H11 EDO C . -24.05 2.40 -23.33
H12 EDO C . -22.87 2.63 -22.29
HO1 EDO C . -23.79 0.43 -23.00
H21 EDO C . -21.55 1.83 -24.37
H22 EDO C . -22.73 2.66 -25.06
C1 PEG D . 21.04 -8.89 15.99
O1 PEG D . 20.08 -8.01 16.51
C2 PEG D . 20.60 -9.45 14.62
O2 PEG D . 21.05 -8.59 13.62
C3 PEG D . 20.90 -9.10 12.32
C4 PEG D . 21.36 -8.07 11.29
O4 PEG D . 22.42 -8.61 10.53
H11 PEG D . 21.88 -8.42 15.89
H12 PEG D . 21.17 -9.63 16.61
HO1 PEG D . 20.31 -7.76 17.28
H21 PEG D . 20.99 -10.34 14.50
H22 PEG D . 19.64 -9.52 14.60
H31 PEG D . 21.46 -9.90 12.22
H32 PEG D . 19.98 -9.33 12.16
H41 PEG D . 20.62 -7.85 10.70
H42 PEG D . 21.65 -7.27 11.74
HO4 PEG D . 22.77 -7.98 10.06
C1 PEG E . -26.83 5.40 -26.00
O1 PEG E . -27.18 5.01 -24.70
C2 PEG E . -25.88 4.37 -26.62
O2 PEG E . -26.48 3.81 -27.75
C3 PEG E . -25.60 3.16 -28.62
C4 PEG E . -26.27 1.97 -29.30
O4 PEG E . -27.45 2.33 -29.97
H11 PEG E . -27.63 5.45 -26.54
H12 PEG E . -26.39 6.26 -25.96
HO1 PEG E . -27.73 5.58 -24.37
H21 PEG E . -25.05 4.82 -26.87
H22 PEG E . -25.68 3.68 -25.97
H31 PEG E . -25.30 3.79 -29.30
H32 PEG E . -24.82 2.85 -28.12
H41 PEG E . -25.66 1.58 -29.94
H42 PEG E . -26.49 1.30 -28.63
HO4 PEG E . -27.75 1.66 -30.40
C1 PEG F . -21.79 -10.10 -19.16
O1 PEG F . -20.44 -10.15 -18.79
C2 PEG F . -22.24 -8.65 -19.40
O2 PEG F . -21.40 -7.98 -20.29
C3 PEG F . -21.90 -6.76 -20.76
C4 PEG F . -21.14 -6.32 -22.01
O4 PEG F . -20.38 -5.17 -21.75
H11 PEG F . -21.91 -10.60 -19.98
H12 PEG F . -22.33 -10.50 -18.46
HO1 PEG F . -20.24 -10.96 -18.59
H21 PEG F . -23.15 -8.66 -19.76
H22 PEG F . -22.25 -8.19 -18.55
H31 PEG F . -22.85 -6.88 -20.99
H32 PEG F . -21.82 -6.08 -20.08
H41 PEG F . -20.54 -7.03 -22.29
H42 PEG F . -21.76 -6.13 -22.73
HO4 PEG F . -20.66 -4.53 -22.23
C1 EDO G . 0.72 -33.00 5.96
O1 EDO G . 0.43 -31.82 5.25
C2 EDO G . 2.03 -33.60 5.45
O2 EDO G . 3.08 -33.19 6.30
H11 EDO G . 0.01 -33.64 5.83
H12 EDO G . 0.80 -32.79 6.90
HO1 EDO G . -0.30 -31.51 5.52
H21 EDO G . 2.20 -33.30 4.55
H22 EDO G . 1.97 -34.57 5.47
C1 GOL H . 8.03 -22.41 -11.63
O1 GOL H . 7.88 -23.56 -10.82
C2 GOL H . 6.66 -21.94 -12.09
O2 GOL H . 5.69 -22.52 -11.23
C3 GOL H . 6.56 -20.43 -12.04
O3 GOL H . 5.26 -20.00 -12.41
H11 GOL H . 8.53 -21.61 -11.07
H12 GOL H . 8.66 -22.64 -12.50
HO1 GOL H . 8.76 -23.90 -10.58
H2 GOL H . 6.50 -22.28 -13.11
HO2 GOL H . 5.84 -22.21 -10.32
H31 GOL H . 6.78 -20.08 -11.02
H32 GOL H . 7.28 -19.99 -12.71
HO3 GOL H . 5.17 -19.04 -12.23
CL CL I . -6.12 10.49 -10.22
CL CL J . -23.22 -8.71 -14.20
CL CL K . -22.02 6.66 2.85
C TRS L . 4.31 -3.41 -8.18
C1 TRS L . 3.42 -4.26 -7.29
C2 TRS L . 4.46 -2.02 -7.59
C3 TRS L . 3.74 -3.38 -9.60
N TRS L . 5.64 -4.00 -8.25
O1 TRS L . 2.14 -4.41 -7.86
O2 TRS L . 4.97 -2.13 -6.29
O3 TRS L . 3.53 -4.71 -10.02
H11 TRS L . 3.33 -3.80 -6.30
H12 TRS L . 3.87 -5.24 -7.15
H21 TRS L . 3.49 -1.51 -7.57
H22 TRS L . 5.14 -1.43 -8.21
H31 TRS L . 2.80 -2.83 -9.61
H32 TRS L . 4.45 -2.88 -10.27
HN1 TRS L . 5.65 -4.95 -8.61
HN2 TRS L . 6.19 -3.89 -7.40
HN3 TRS L . 6.13 -3.46 -8.95
HO1 TRS L . 1.58 -4.96 -7.27
HO2 TRS L . 5.07 -1.25 -5.89
HO3 TRS L . 3.17 -4.71 -10.93
O13 2PE M . 15.18 -30.11 10.67
C14 2PE M . 15.97 -29.95 9.51
C15 2PE M . 16.77 -31.23 9.26
O16 2PE M . 17.78 -31.40 10.24
C17 2PE M . 18.95 -32.03 9.81
C18 2PE M . 20.03 -31.96 10.88
O19 2PE M . 21.17 -31.31 10.38
C20 2PE M . 22.12 -30.89 11.30
C21 2PE M . 23.35 -30.35 10.56
O22 2PE M . 23.35 -28.94 10.62
C23 2PE M . 23.37 -28.24 9.41
C24 2PE M . 24.75 -27.69 9.09
O25 2PE M . 25.28 -28.44 8.05
H141 2PE M . 15.39 -29.77 8.75
H142 2PE M . 16.57 -29.20 9.63
H151 2PE M . 16.17 -31.98 9.28
H152 2PE M . 17.19 -31.17 8.39
H171 2PE M . 18.75 -32.96 9.61
H172 2PE M . 19.27 -31.60 9.00
H181 2PE M . 19.69 -31.47 11.65
H182 2PE M . 20.28 -32.85 11.15
H201 2PE M . 21.76 -30.20 11.87
H202 2PE M . 22.39 -31.64 11.86
H211 2PE M . 24.16 -30.68 10.97
H212 2PE M . 23.32 -30.63 9.64
H231 2PE M . 23.09 -28.82 8.69
H232 2PE M . 22.74 -27.50 9.47
H241 2PE M . 24.67 -26.75 8.83
H242 2PE M . 25.32 -27.76 9.88
C1 PEG N . 21.23 -1.10 -7.06
O1 PEG N . 20.23 -0.92 -8.02
C2 PEG N . 22.53 -0.36 -7.38
O2 PEG N . 22.30 1.00 -7.65
C3 PEG N . 23.26 1.85 -7.12
C4 PEG N . 23.33 3.17 -7.88
O4 PEG N . 22.05 3.73 -8.01
H11 PEG N . 20.90 -0.79 -6.21
H12 PEG N . 21.43 -2.05 -6.99
HO1 PEG N . 19.56 -1.42 -7.84
H21 PEG N . 23.13 -0.43 -6.63
H22 PEG N . 22.95 -0.77 -8.16
H31 PEG N . 23.06 2.02 -6.19
H32 PEG N . 24.13 1.40 -7.18
H41 PEG N . 23.89 3.79 -7.38
H42 PEG N . 23.71 3.03 -8.75
HO4 PEG N . 22.11 4.48 -8.42
C1 EDO O . -17.82 9.43 8.07
O1 EDO O . -17.20 8.25 8.47
C2 EDO O . -17.30 10.61 8.90
O2 EDO O . -17.56 10.42 10.27
H11 EDO O . -18.78 9.35 8.18
H12 EDO O . -17.62 9.60 7.13
HO1 EDO O . -17.57 7.59 8.07
H21 EDO O . -17.74 11.42 8.61
H22 EDO O . -16.35 10.71 8.77
C1 EDO P . 7.24 -9.06 18.57
O1 EDO P . 7.08 -9.04 17.17
C2 EDO P . 6.22 -8.13 19.20
O2 EDO P . 4.93 -8.60 18.94
H11 EDO P . 8.14 -8.76 18.80
H12 EDO P . 7.11 -9.96 18.90
HO1 EDO P . 7.76 -9.41 16.81
H21 EDO P . 6.32 -7.23 18.81
H22 EDO P . 6.36 -8.08 20.16
C1 EDO Q . -16.31 21.64 17.05
O1 EDO Q . -16.58 21.31 18.39
C2 EDO Q . -16.90 20.59 16.11
O2 EDO Q . -18.30 20.58 16.14
H11 EDO Q . -16.70 22.50 16.85
H12 EDO Q . -15.35 21.68 16.92
HO1 EDO Q . -15.90 21.45 18.86
H21 EDO Q . -16.60 20.80 15.20
H22 EDO Q . -16.57 19.72 16.36
C1 EDO R . 13.65 8.11 14.23
O1 EDO R . 12.93 6.98 14.61
C2 EDO R . 14.66 8.46 15.33
O2 EDO R . 13.94 8.72 16.50
H11 EDO R . 13.04 8.86 14.10
H12 EDO R . 14.13 7.94 13.40
HO1 EDO R . 13.18 6.31 14.15
H21 EDO R . 15.18 9.24 15.07
H22 EDO R . 15.26 7.71 15.47
C1 EDO S . 19.18 -3.11 15.57
O1 EDO S . 18.92 -1.94 16.28
C2 EDO S . 18.28 -4.24 16.06
O2 EDO S . 18.37 -5.33 15.19
H11 EDO S . 20.12 -3.36 15.70
H12 EDO S . 19.03 -2.95 14.62
HO1 EDO S . 19.38 -1.30 15.98
H21 EDO S . 17.36 -3.92 16.09
H22 EDO S . 18.56 -4.51 16.95
C1 EDO T . 2.87 12.56 18.35
O1 EDO T . 3.29 11.65 19.34
C2 EDO T . 3.95 12.67 17.28
O2 EDO T . 4.65 11.46 17.18
H11 EDO T . 2.04 12.26 17.96
H12 EDO T . 2.74 13.44 18.76
HO1 EDO T . 2.77 11.70 20.00
H21 EDO T . 3.53 12.88 16.43
H22 EDO T . 4.57 13.38 17.52
C1 GOL U . -15.17 29.29 -7.43
O1 GOL U . -15.94 28.89 -6.34
C2 GOL U . -14.95 28.06 -8.28
O2 GOL U . -15.11 26.96 -7.44
C3 GOL U . -15.96 27.95 -9.41
O3 GOL U . -15.81 26.68 -9.99
H11 GOL U . -15.69 30.06 -8.01
H12 GOL U . -14.21 29.69 -7.10
HO1 GOL U . -16.06 29.64 -5.73
H2 GOL U . -13.94 28.08 -8.70
HO2 GOL U . -16.03 26.95 -7.09
H31 GOL U . -16.98 28.07 -9.02
H32 GOL U . -15.78 28.72 -10.16
HO3 GOL U . -16.34 26.63 -10.81
CL CL V . -18.91 18.13 17.40
CL CL W . -17.30 2.62 2.90
CL CL X . 3.86 14.24 6.76
#